data_4JRR
#
_entry.id   4JRR
#
_cell.length_a   55.876
_cell.length_b   80.137
_cell.length_c   66.257
_cell.angle_alpha   90.000
_cell.angle_beta   92.860
_cell.angle_gamma   90.000
#
_symmetry.space_group_name_H-M   'P 1 21 1'
#
loop_
_entity.id
_entity.type
_entity.pdbx_description
1 polymer 'Thiol:disulfide interchange protein DsbA'
2 non-polymer 'SULFATE ION'
3 non-polymer GLYCEROL
4 water water
#
_entity_poly.entity_id   1
_entity_poly.type   'polypeptide(L)'
_entity_poly.pdbx_seq_one_letter_code
;GSHMQFIEGKDYQTVASAQLSTNKDKTPLITEFFSYGCPWCYKIDAPLNDWATRMGKGAHLERVPVVFKPNWDLYAKAYY
TAKTLAMSDKMNPILFKAIQEDKNPLATKQSMVDFFVAHGVDREIAKSAFENSPTIDMRVNSGMSLMAHYQINAVPAFVV
NNKYKTDLQMAGSEERLFEILNYLVRKSA
;
_entity_poly.pdbx_strand_id   A,B,C
#
# COMPACT_ATOMS: atom_id res chain seq x y z
N GLY A 1 22.41 -9.49 -11.29
CA GLY A 1 21.70 -10.80 -11.36
C GLY A 1 20.56 -10.70 -12.40
N SER A 2 19.42 -10.17 -11.97
CA SER A 2 18.39 -9.76 -12.88
C SER A 2 18.61 -8.36 -13.26
N HIS A 3 18.26 -8.05 -14.53
CA HIS A 3 18.45 -6.75 -15.10
C HIS A 3 17.14 -6.16 -15.59
N MET A 4 17.14 -4.83 -15.60
CA MET A 4 15.89 -4.09 -16.02
C MET A 4 15.45 -4.62 -17.36
N GLN A 5 14.17 -4.84 -17.55
CA GLN A 5 13.66 -5.37 -18.79
C GLN A 5 12.66 -4.40 -19.53
N PHE A 6 12.36 -3.26 -18.92
CA PHE A 6 11.63 -2.14 -19.66
C PHE A 6 12.73 -1.29 -20.22
N ILE A 7 12.97 -1.34 -21.54
CA ILE A 7 14.21 -0.85 -22.11
C ILE A 7 13.99 0.57 -22.67
N GLU A 8 14.71 1.55 -22.14
CA GLU A 8 14.60 2.93 -22.62
C GLU A 8 15.10 2.94 -24.05
N GLY A 9 14.42 3.63 -24.94
CA GLY A 9 14.78 3.65 -26.34
C GLY A 9 14.10 2.57 -27.14
N LYS A 10 13.54 1.53 -26.52
CA LYS A 10 12.87 0.49 -27.25
C LYS A 10 11.42 0.41 -26.83
N ASP A 11 11.19 0.24 -25.53
CA ASP A 11 9.85 0.16 -25.00
C ASP A 11 9.22 1.56 -24.75
N TYR A 12 10.03 2.53 -24.46
CA TYR A 12 9.60 3.88 -24.16
C TYR A 12 10.73 4.84 -24.37
N GLN A 13 10.37 6.11 -24.45
CA GLN A 13 11.35 7.19 -24.45
C GLN A 13 10.99 8.29 -23.49
N THR A 14 12.00 9.05 -23.04
CA THR A 14 11.71 10.21 -22.20
C THR A 14 11.36 11.34 -23.16
N VAL A 15 10.54 12.26 -22.74
CA VAL A 15 10.24 13.48 -23.49
C VAL A 15 10.56 14.71 -22.65
N ALA A 16 10.57 15.86 -23.30
CA ALA A 16 10.70 17.12 -22.60
C ALA A 16 9.34 17.43 -21.95
N SER A 17 9.38 17.87 -20.70
CA SER A 17 8.16 18.14 -19.94
C SER A 17 7.49 19.36 -20.50
N ALA A 18 6.17 19.29 -20.66
CA ALA A 18 5.40 20.41 -21.08
C ALA A 18 4.99 21.20 -19.87
N GLN A 19 4.66 22.47 -20.08
CA GLN A 19 4.16 23.34 -19.05
C GLN A 19 2.72 23.04 -18.87
N LEU A 20 2.40 22.39 -17.76
CA LEU A 20 1.03 21.91 -17.53
C LEU A 20 0.46 22.47 -16.26
N SER A 21 -0.86 22.55 -16.25
CA SER A 21 -1.64 22.74 -15.07
C SER A 21 -2.48 21.46 -14.82
N THR A 22 -1.85 20.42 -14.28
CA THR A 22 -2.59 19.16 -14.06
C THR A 22 -3.10 19.13 -12.59
N ASN A 23 -4.43 19.13 -12.46
CA ASN A 23 -5.20 18.72 -11.26
C ASN A 23 -4.59 17.42 -10.64
N LYS A 24 -4.28 17.36 -9.34
CA LYS A 24 -3.63 16.15 -8.79
CA LYS A 24 -3.63 16.16 -8.78
C LYS A 24 -4.57 14.95 -8.73
N ASP A 25 -5.88 15.18 -8.67
CA ASP A 25 -6.81 14.01 -8.85
C ASP A 25 -6.75 13.40 -10.29
N LYS A 26 -6.00 14.05 -11.18
CA LYS A 26 -5.62 13.49 -12.48
C LYS A 26 -4.16 12.89 -12.53
N THR A 27 -3.61 12.43 -11.39
CA THR A 27 -2.20 11.97 -11.27
C THR A 27 -2.28 10.55 -10.76
N PRO A 28 -1.41 9.58 -11.22
CA PRO A 28 -0.55 9.62 -12.42
C PRO A 28 -1.37 9.74 -13.70
N LEU A 29 -0.89 10.62 -14.54
CA LEU A 29 -1.54 11.04 -15.69
C LEU A 29 -1.05 10.26 -16.93
N ILE A 30 -1.98 9.73 -17.70
CA ILE A 30 -1.70 9.10 -18.94
C ILE A 30 -2.44 9.84 -20.00
N THR A 31 -1.71 10.42 -20.94
CA THR A 31 -2.35 11.16 -22.02
C THR A 31 -2.29 10.30 -23.29
N GLU A 32 -3.44 9.92 -23.88
CA GLU A 32 -3.42 9.17 -25.13
C GLU A 32 -3.77 10.11 -26.25
N PHE A 33 -2.88 10.25 -27.21
CA PHE A 33 -3.10 10.97 -28.50
C PHE A 33 -3.73 9.97 -29.43
N PHE A 34 -4.92 10.30 -29.96
CA PHE A 34 -5.75 9.33 -30.68
C PHE A 34 -6.61 10.04 -31.70
N SER A 35 -7.27 9.24 -32.48
CA SER A 35 -8.42 9.74 -33.26
C SER A 35 -9.44 8.62 -33.43
N TYR A 36 -10.74 9.00 -33.56
CA TYR A 36 -11.75 8.05 -33.97
C TYR A 36 -11.44 7.54 -35.34
N GLY A 37 -10.71 8.31 -36.11
CA GLY A 37 -10.38 7.93 -37.46
C GLY A 37 -9.24 6.92 -37.64
N CYS A 38 -8.61 6.49 -36.55
CA CYS A 38 -7.41 5.64 -36.60
C CYS A 38 -7.77 4.25 -36.26
N PRO A 39 -7.41 3.28 -37.12
CA PRO A 39 -7.87 1.92 -36.87
C PRO A 39 -7.15 1.31 -35.67
N TRP A 40 -5.93 1.75 -35.39
CA TRP A 40 -5.17 1.21 -34.29
C TRP A 40 -5.66 1.79 -32.95
N CYS A 41 -5.99 3.08 -32.94
CA CYS A 41 -6.69 3.68 -31.78
C CYS A 41 -7.96 2.87 -31.49
N TYR A 42 -8.66 2.51 -32.54
CA TYR A 42 -9.89 1.74 -32.38
C TYR A 42 -9.66 0.41 -31.80
N LYS A 43 -8.70 -0.29 -32.38
CA LYS A 43 -8.37 -1.64 -31.85
C LYS A 43 -8.07 -1.71 -30.42
N ILE A 44 -7.32 -0.73 -29.89
CA ILE A 44 -6.90 -0.79 -28.49
C ILE A 44 -7.85 -0.09 -27.54
N ASP A 45 -8.87 0.61 -28.04
CA ASP A 45 -9.64 1.46 -27.14
C ASP A 45 -10.34 0.73 -26.02
N ALA A 46 -11.02 -0.37 -26.31
CA ALA A 46 -11.78 -1.06 -25.27
C ALA A 46 -10.84 -1.76 -24.25
N PRO A 47 -9.80 -2.44 -24.73
CA PRO A 47 -8.82 -2.99 -23.75
C PRO A 47 -8.18 -1.89 -22.91
N LEU A 48 -7.93 -0.73 -23.49
CA LEU A 48 -7.40 0.38 -22.79
C LEU A 48 -8.39 0.83 -21.71
N ASN A 49 -9.67 0.96 -22.06
CA ASN A 49 -10.67 1.31 -21.04
C ASN A 49 -10.71 0.25 -19.94
N ASP A 50 -10.69 -1.00 -20.30
CA ASP A 50 -10.69 -2.04 -19.30
C ASP A 50 -9.47 -1.91 -18.40
N TRP A 51 -8.32 -1.67 -19.01
CA TRP A 51 -7.08 -1.59 -18.23
C TRP A 51 -7.13 -0.38 -17.28
N ALA A 52 -7.69 0.72 -17.77
CA ALA A 52 -7.79 1.91 -17.00
C ALA A 52 -8.71 1.68 -15.79
N THR A 53 -9.84 1.02 -16.03
CA THR A 53 -10.78 0.61 -14.97
C THR A 53 -10.08 -0.26 -13.94
N ARG A 54 -9.35 -1.28 -14.40
CA ARG A 54 -8.65 -2.16 -13.48
C ARG A 54 -7.57 -1.32 -12.74
N MET A 55 -7.03 -0.27 -13.34
CA MET A 55 -5.99 0.56 -12.64
C MET A 55 -6.61 1.38 -11.56
N GLY A 56 -7.90 1.68 -11.68
CA GLY A 56 -8.61 2.52 -10.70
C GLY A 56 -7.83 3.80 -10.46
N LYS A 57 -7.50 4.05 -9.19
CA LYS A 57 -6.72 5.21 -8.73
C LYS A 57 -5.23 5.20 -9.12
N GLY A 58 -4.73 4.04 -9.55
CA GLY A 58 -3.36 3.91 -10.02
C GLY A 58 -3.08 4.73 -11.30
N ALA A 59 -4.10 5.39 -11.91
CA ALA A 59 -3.91 6.06 -13.19
C ALA A 59 -5.11 6.97 -13.53
N HIS A 60 -4.90 8.05 -14.26
CA HIS A 60 -5.99 8.88 -14.75
C HIS A 60 -5.71 9.06 -16.28
N LEU A 61 -6.62 8.54 -17.09
CA LEU A 61 -6.43 8.49 -18.52
C LEU A 61 -7.15 9.68 -19.11
N GLU A 62 -6.44 10.45 -19.88
CA GLU A 62 -7.02 11.59 -20.60
CA GLU A 62 -7.05 11.60 -20.59
C GLU A 62 -6.70 11.40 -22.06
N ARG A 63 -7.64 11.68 -22.93
CA ARG A 63 -7.46 11.53 -24.35
C ARG A 63 -7.34 12.87 -25.03
N VAL A 64 -6.48 12.93 -26.06
CA VAL A 64 -6.23 14.12 -26.85
C VAL A 64 -6.36 13.73 -28.29
N PRO A 65 -7.45 14.21 -28.96
CA PRO A 65 -7.63 13.88 -30.33
C PRO A 65 -6.69 14.67 -31.22
N VAL A 66 -6.28 14.08 -32.34
CA VAL A 66 -5.30 14.69 -33.26
C VAL A 66 -5.92 14.85 -34.62
N VAL A 67 -5.31 15.69 -35.40
CA VAL A 67 -5.87 16.03 -36.72
C VAL A 67 -4.78 15.73 -37.76
N PHE A 68 -4.87 14.58 -38.39
CA PHE A 68 -3.86 14.16 -39.38
C PHE A 68 -4.44 13.99 -40.77
N LYS A 69 -5.77 13.97 -40.89
CA LYS A 69 -6.49 13.51 -42.10
C LYS A 69 -7.78 14.24 -42.25
N PRO A 70 -8.32 14.30 -43.49
CA PRO A 70 -9.64 14.78 -43.71
C PRO A 70 -10.61 14.14 -42.75
N ASN A 71 -11.39 15.00 -42.11
CA ASN A 71 -12.50 14.64 -41.20
C ASN A 71 -12.02 14.53 -39.75
N TRP A 72 -10.72 14.40 -39.53
CA TRP A 72 -10.25 14.28 -38.15
C TRP A 72 -10.46 15.55 -37.30
N ASP A 73 -10.54 16.72 -37.94
CA ASP A 73 -10.90 17.94 -37.19
C ASP A 73 -12.27 17.81 -36.52
N LEU A 74 -13.23 17.36 -37.30
CA LEU A 74 -14.58 17.13 -36.73
C LEU A 74 -14.58 15.99 -35.70
N TYR A 75 -13.79 14.96 -35.98
CA TYR A 75 -13.73 13.85 -35.00
C TYR A 75 -13.21 14.40 -33.67
N ALA A 76 -12.28 15.35 -33.72
CA ALA A 76 -11.71 15.95 -32.50
C ALA A 76 -12.73 16.76 -31.78
N LYS A 77 -13.49 17.58 -32.51
CA LYS A 77 -14.55 18.29 -31.88
C LYS A 77 -15.59 17.40 -31.25
N ALA A 78 -15.84 16.26 -31.88
CA ALA A 78 -16.82 15.30 -31.32
C ALA A 78 -16.34 14.78 -29.96
N TYR A 79 -15.06 14.46 -29.91
CA TYR A 79 -14.45 14.01 -28.60
C TYR A 79 -14.62 15.07 -27.52
N TYR A 80 -14.24 16.33 -27.82
CA TYR A 80 -14.36 17.44 -26.83
C TYR A 80 -15.77 17.71 -26.41
N THR A 81 -16.67 17.59 -27.35
CA THR A 81 -18.07 17.81 -27.01
C THR A 81 -18.63 16.73 -26.07
N ALA A 82 -18.34 15.47 -26.42
CA ALA A 82 -18.80 14.33 -25.63
C ALA A 82 -18.19 14.41 -24.21
N LYS A 83 -16.93 14.77 -24.15
CA LYS A 83 -16.23 14.92 -22.86
C LYS A 83 -16.86 15.97 -21.99
N THR A 84 -17.16 17.12 -22.57
CA THR A 84 -17.79 18.22 -21.89
C THR A 84 -19.14 17.76 -21.22
N LEU A 85 -19.88 16.92 -21.94
CA LEU A 85 -21.17 16.38 -21.52
C LEU A 85 -21.03 15.22 -20.56
N ALA A 86 -19.78 14.85 -20.25
CA ALA A 86 -19.55 13.67 -19.45
C ALA A 86 -20.12 12.42 -20.10
N MET A 87 -20.01 12.34 -21.42
CA MET A 87 -20.56 11.24 -22.17
C MET A 87 -19.53 10.49 -22.99
N SER A 88 -18.24 10.71 -22.74
CA SER A 88 -17.21 10.20 -23.64
C SER A 88 -17.03 8.66 -23.43
N ASP A 89 -17.26 8.14 -22.22
CA ASP A 89 -17.26 6.68 -22.04
C ASP A 89 -18.35 5.96 -22.87
N LYS A 90 -19.55 6.52 -22.90
CA LYS A 90 -20.62 6.06 -23.79
C LYS A 90 -20.30 6.32 -25.27
N MET A 91 -19.83 7.53 -25.60
CA MET A 91 -19.78 7.89 -27.03
C MET A 91 -18.52 7.40 -27.72
N ASN A 92 -17.42 7.22 -26.99
CA ASN A 92 -16.21 6.76 -27.68
C ASN A 92 -16.45 5.48 -28.50
N PRO A 93 -17.00 4.42 -27.90
CA PRO A 93 -17.19 3.19 -28.71
C PRO A 93 -18.19 3.32 -29.84
N ILE A 94 -19.20 4.12 -29.60
CA ILE A 94 -20.26 4.41 -30.61
C ILE A 94 -19.62 5.11 -31.80
N LEU A 95 -18.82 6.13 -31.54
CA LEU A 95 -18.18 6.90 -32.64
C LEU A 95 -17.17 6.05 -33.41
N PHE A 96 -16.35 5.30 -32.66
CA PHE A 96 -15.38 4.37 -33.25
C PHE A 96 -16.07 3.40 -34.19
N LYS A 97 -17.17 2.84 -33.72
CA LYS A 97 -17.88 1.83 -34.52
C LYS A 97 -18.46 2.40 -35.79
N ALA A 98 -19.13 3.55 -35.68
CA ALA A 98 -19.69 4.21 -36.85
C ALA A 98 -18.66 4.52 -37.92
N ILE A 99 -17.57 5.11 -37.52
CA ILE A 99 -16.52 5.50 -38.42
C ILE A 99 -15.69 4.28 -38.94
N GLN A 100 -15.32 3.38 -38.04
CA GLN A 100 -14.45 2.27 -38.44
C GLN A 100 -15.17 1.03 -39.00
N GLU A 101 -16.33 0.67 -38.45
CA GLU A 101 -17.03 -0.57 -38.82
CA GLU A 101 -17.00 -0.56 -38.83
C GLU A 101 -18.13 -0.28 -39.81
N ASP A 102 -18.89 0.79 -39.59
CA ASP A 102 -19.99 1.07 -40.52
C ASP A 102 -19.52 1.93 -41.67
N LYS A 103 -18.23 2.27 -41.68
CA LYS A 103 -17.66 3.17 -42.70
C LYS A 103 -18.56 4.40 -42.97
N ASN A 104 -19.09 4.95 -41.89
CA ASN A 104 -19.86 6.18 -41.94
C ASN A 104 -18.87 7.25 -41.56
N PRO A 105 -18.46 8.06 -42.52
CA PRO A 105 -17.38 8.96 -42.25
C PRO A 105 -17.80 10.14 -41.31
N LEU A 106 -19.09 10.34 -41.08
CA LEU A 106 -19.54 11.48 -40.29
C LEU A 106 -18.71 12.71 -40.66
N ALA A 107 -18.73 13.01 -41.96
CA ALA A 107 -17.81 13.98 -42.54
C ALA A 107 -18.35 15.38 -42.66
N THR A 108 -19.57 15.60 -42.22
CA THR A 108 -20.04 16.94 -42.17
C THR A 108 -20.48 17.28 -40.78
N LYS A 109 -20.48 18.59 -40.50
CA LYS A 109 -21.04 19.16 -39.28
C LYS A 109 -22.47 18.64 -39.10
N GLN A 110 -23.29 18.67 -40.15
CA GLN A 110 -24.68 18.16 -40.02
C GLN A 110 -24.82 16.70 -39.61
N SER A 111 -23.99 15.85 -40.22
CA SER A 111 -24.06 14.44 -39.98
C SER A 111 -23.65 14.21 -38.51
N MET A 112 -22.73 15.01 -38.01
CA MET A 112 -22.28 14.85 -36.63
C MET A 112 -23.35 15.31 -35.64
N VAL A 113 -23.93 16.46 -35.89
CA VAL A 113 -25.06 16.91 -35.10
C VAL A 113 -26.13 15.87 -35.01
N ASP A 114 -26.56 15.33 -36.17
CA ASP A 114 -27.63 14.34 -36.18
C ASP A 114 -27.22 13.10 -35.35
N PHE A 115 -25.94 12.72 -35.50
CA PHE A 115 -25.46 11.51 -34.80
C PHE A 115 -25.51 11.71 -33.30
N PHE A 116 -25.07 12.89 -32.85
CA PHE A 116 -25.10 13.19 -31.41
C PHE A 116 -26.54 13.24 -30.89
N VAL A 117 -27.45 13.85 -31.66
CA VAL A 117 -28.84 13.93 -31.25
C VAL A 117 -29.45 12.49 -31.16
N ALA A 118 -29.16 11.65 -32.13
CA ALA A 118 -29.60 10.25 -32.07
C ALA A 118 -29.14 9.53 -30.84
N HIS A 119 -27.99 9.94 -30.28
CA HIS A 119 -27.54 9.33 -29.06
C HIS A 119 -27.83 10.14 -27.82
N GLY A 120 -28.81 11.03 -27.89
CA GLY A 120 -29.35 11.68 -26.68
C GLY A 120 -28.85 13.10 -26.37
N VAL A 121 -27.97 13.66 -27.19
CA VAL A 121 -27.45 15.01 -26.92
C VAL A 121 -28.43 16.06 -27.47
N ASP A 122 -28.54 17.14 -26.75
CA ASP A 122 -29.41 18.28 -27.15
C ASP A 122 -28.92 18.83 -28.44
N ARG A 123 -29.85 19.10 -29.35
CA ARG A 123 -29.45 19.44 -30.70
C ARG A 123 -28.64 20.74 -30.74
N GLU A 124 -29.04 21.72 -29.93
CA GLU A 124 -28.37 23.03 -29.95
C GLU A 124 -27.00 22.99 -29.34
N ILE A 125 -26.83 22.16 -28.31
CA ILE A 125 -25.48 21.98 -27.74
C ILE A 125 -24.51 21.42 -28.77
N ALA A 126 -24.97 20.40 -29.49
CA ALA A 126 -24.16 19.79 -30.55
C ALA A 126 -23.97 20.73 -31.80
N LYS A 127 -25.02 21.38 -32.22
CA LYS A 127 -24.86 22.31 -33.33
C LYS A 127 -23.93 23.49 -33.07
N SER A 128 -24.09 24.11 -31.90
CA SER A 128 -23.26 25.23 -31.51
C SER A 128 -21.81 24.80 -31.26
N ALA A 129 -21.65 23.60 -30.72
CA ALA A 129 -20.29 23.06 -30.55
C ALA A 129 -19.51 22.93 -31.85
N PHE A 130 -20.18 22.46 -32.89
CA PHE A 130 -19.57 22.25 -34.19
C PHE A 130 -19.51 23.47 -35.05
N GLU A 131 -20.48 24.39 -34.89
CA GLU A 131 -20.54 25.54 -35.81
C GLU A 131 -19.95 26.82 -35.23
N ASN A 132 -20.04 26.98 -33.92
CA ASN A 132 -19.61 28.22 -33.30
C ASN A 132 -19.10 28.05 -31.91
N SER A 133 -17.97 27.34 -31.76
CA SER A 133 -17.27 27.32 -30.50
C SER A 133 -15.74 27.52 -30.68
N PRO A 134 -15.30 28.76 -30.65
CA PRO A 134 -13.87 29.07 -30.53
C PRO A 134 -13.20 28.34 -29.36
N THR A 135 -13.95 28.09 -28.30
CA THR A 135 -13.40 27.35 -27.13
C THR A 135 -12.99 25.97 -27.54
N ILE A 136 -13.89 25.24 -28.22
CA ILE A 136 -13.57 23.87 -28.70
C ILE A 136 -12.46 23.97 -29.76
N ASP A 137 -12.52 24.95 -30.66
CA ASP A 137 -11.43 25.08 -31.65
C ASP A 137 -10.08 25.26 -30.99
N MET A 138 -10.05 26.06 -29.91
CA MET A 138 -8.79 26.29 -29.23
CA MET A 138 -8.80 26.30 -29.17
C MET A 138 -8.27 24.99 -28.60
N ARG A 139 -9.18 24.17 -28.07
CA ARG A 139 -8.72 22.84 -27.51
C ARG A 139 -8.19 21.94 -28.57
N VAL A 140 -8.83 21.90 -29.73
CA VAL A 140 -8.27 21.06 -30.80
C VAL A 140 -6.80 21.48 -31.07
N ASN A 141 -6.56 22.78 -31.24
CA ASN A 141 -5.23 23.32 -31.50
C ASN A 141 -4.23 23.07 -30.36
N SER A 142 -4.68 23.24 -29.13
CA SER A 142 -3.81 23.14 -27.98
C SER A 142 -3.39 21.66 -27.87
N GLY A 143 -4.32 20.72 -28.14
CA GLY A 143 -3.93 19.30 -28.19
C GLY A 143 -2.83 19.02 -29.24
N MET A 144 -2.98 19.60 -30.43
CA MET A 144 -1.99 19.45 -31.45
C MET A 144 -0.65 20.07 -31.11
N SER A 145 -0.69 21.25 -30.46
CA SER A 145 0.56 21.86 -29.98
C SER A 145 1.26 20.96 -28.96
N LEU A 146 0.48 20.33 -28.09
CA LEU A 146 1.05 19.43 -27.10
C LEU A 146 1.74 18.25 -27.73
N MET A 147 1.03 17.64 -28.67
CA MET A 147 1.55 16.52 -29.44
C MET A 147 2.90 16.84 -30.08
N ALA A 148 3.01 18.03 -30.66
CA ALA A 148 4.23 18.44 -31.28
C ALA A 148 5.35 18.64 -30.25
N HIS A 149 5.01 19.18 -29.07
CA HIS A 149 5.97 19.45 -28.02
C HIS A 149 6.64 18.12 -27.66
N TYR A 150 5.83 17.08 -27.57
CA TYR A 150 6.31 15.71 -27.23
C TYR A 150 6.98 14.97 -28.37
N GLN A 151 7.07 15.61 -29.56
CA GLN A 151 7.65 14.99 -30.74
C GLN A 151 6.96 13.74 -31.15
N ILE A 152 5.61 13.80 -31.06
CA ILE A 152 4.79 12.68 -31.48
C ILE A 152 4.26 12.94 -32.85
N ASN A 153 4.38 11.97 -33.73
CA ASN A 153 3.80 12.13 -35.10
C ASN A 153 3.07 10.88 -35.56
N ALA A 154 2.61 10.08 -34.60
CA ALA A 154 1.85 8.87 -34.89
C ALA A 154 0.97 8.52 -33.70
N VAL A 155 -0.19 7.96 -33.98
CA VAL A 155 -1.13 7.54 -32.97
C VAL A 155 -1.52 6.11 -33.19
N PRO A 156 -2.00 5.42 -32.16
CA PRO A 156 -2.10 5.89 -30.79
C PRO A 156 -0.72 6.12 -30.22
N ALA A 157 -0.62 7.10 -29.35
CA ALA A 157 0.60 7.34 -28.57
C ALA A 157 0.22 7.75 -27.17
N PHE A 158 1.13 7.52 -26.23
CA PHE A 158 0.89 7.73 -24.81
C PHE A 158 2.02 8.53 -24.23
N VAL A 159 1.68 9.53 -23.43
CA VAL A 159 2.64 10.21 -22.57
C VAL A 159 2.20 10.10 -21.13
N VAL A 160 3.10 9.54 -20.33
CA VAL A 160 2.79 9.26 -18.99
C VAL A 160 3.59 10.19 -18.02
N ASN A 161 2.85 10.78 -17.09
CA ASN A 161 3.34 11.76 -16.11
C ASN A 161 4.19 12.90 -16.74
N ASN A 162 3.81 13.38 -17.91
CA ASN A 162 4.46 14.46 -18.61
C ASN A 162 5.97 14.22 -18.77
N LYS A 163 6.36 12.96 -18.97
CA LYS A 163 7.80 12.60 -18.96
C LYS A 163 8.20 11.40 -19.83
N TYR A 164 7.35 10.39 -19.93
CA TYR A 164 7.69 9.21 -20.70
C TYR A 164 6.69 8.94 -21.80
N LYS A 165 7.14 8.62 -22.97
CA LYS A 165 6.24 8.25 -24.04
C LYS A 165 6.41 6.85 -24.53
N THR A 166 5.32 6.28 -25.03
CA THR A 166 5.34 4.96 -25.65
C THR A 166 4.23 4.92 -26.72
N ASP A 167 4.17 3.86 -27.47
CA ASP A 167 3.10 3.71 -28.49
C ASP A 167 3.08 2.24 -28.88
N LEU A 168 2.10 1.87 -29.73
CA LEU A 168 1.89 0.49 -30.02
C LEU A 168 2.99 -0.05 -30.85
N GLN A 169 3.62 0.81 -31.65
CA GLN A 169 4.70 0.43 -32.45
C GLN A 169 5.92 0.05 -31.63
N MET A 170 6.25 0.85 -30.63
CA MET A 170 7.29 0.53 -29.66
C MET A 170 7.00 -0.69 -28.86
N ALA A 171 5.79 -0.83 -28.37
CA ALA A 171 5.40 -1.92 -27.52
C ALA A 171 5.36 -3.18 -28.35
N GLY A 172 4.88 -3.08 -29.58
CA GLY A 172 4.83 -4.26 -30.47
C GLY A 172 3.57 -5.11 -30.29
N SER A 173 2.88 -5.03 -29.14
CA SER A 173 1.64 -5.76 -28.95
C SER A 173 0.85 -5.03 -27.90
N GLU A 174 -0.45 -5.28 -27.89
CA GLU A 174 -1.34 -4.67 -26.88
CA GLU A 174 -1.35 -4.69 -26.90
C GLU A 174 -0.92 -5.08 -25.49
N GLU A 175 -0.61 -6.34 -25.33
CA GLU A 175 -0.26 -6.81 -24.00
C GLU A 175 1.02 -6.13 -23.49
N ARG A 176 2.03 -6.02 -24.33
CA ARG A 176 3.29 -5.35 -23.87
C ARG A 176 3.02 -3.87 -23.65
N LEU A 177 2.17 -3.26 -24.47
CA LEU A 177 1.86 -1.85 -24.27
C LEU A 177 1.34 -1.62 -22.85
N PHE A 178 0.40 -2.45 -22.36
CA PHE A 178 -0.17 -2.19 -21.05
C PHE A 178 0.80 -2.51 -19.93
N GLU A 179 1.68 -3.47 -20.18
CA GLU A 179 2.79 -3.74 -19.21
C GLU A 179 3.69 -2.48 -19.11
N ILE A 180 3.98 -1.88 -20.25
CA ILE A 180 4.77 -0.68 -20.28
C ILE A 180 4.07 0.45 -19.56
N LEU A 181 2.79 0.67 -19.84
CA LEU A 181 2.10 1.74 -19.18
C LEU A 181 2.04 1.53 -17.62
N ASN A 182 1.82 0.30 -17.20
CA ASN A 182 1.76 -0.06 -15.77
CA ASN A 182 1.73 0.01 -15.78
C ASN A 182 3.08 0.32 -15.08
N TYR A 183 4.19 0.09 -15.79
CA TYR A 183 5.54 0.47 -15.35
C TYR A 183 5.76 2.00 -15.31
N LEU A 184 5.42 2.66 -16.40
CA LEU A 184 5.63 4.08 -16.50
C LEU A 184 4.85 4.91 -15.51
N VAL A 185 3.61 4.51 -15.22
CA VAL A 185 2.78 5.34 -14.28
C VAL A 185 3.43 5.52 -12.92
N ARG A 186 4.24 4.55 -12.53
CA ARG A 186 4.98 4.61 -11.36
C ARG A 186 6.30 5.40 -11.42
N LYS A 187 6.80 5.69 -12.61
CA LYS A 187 8.10 6.44 -12.71
C LYS A 187 8.02 7.94 -12.51
N SER A 188 9.14 8.42 -11.95
CA SER A 188 9.38 9.80 -11.54
C SER A 188 8.15 10.58 -11.10
N PHE B 6 -7.65 -14.90 51.76
CA PHE B 6 -8.75 -14.34 50.90
C PHE B 6 -10.08 -15.13 50.90
N ILE B 7 -11.19 -14.39 50.84
CA ILE B 7 -12.51 -14.89 51.15
C ILE B 7 -13.39 -14.94 49.93
N GLU B 8 -13.92 -16.10 49.62
CA GLU B 8 -14.85 -16.21 48.46
C GLU B 8 -16.05 -15.31 48.74
N GLY B 9 -16.51 -14.58 47.74
CA GLY B 9 -17.65 -13.68 47.85
C GLY B 9 -17.22 -12.29 48.18
N LYS B 10 -16.08 -12.13 48.80
CA LYS B 10 -15.69 -10.80 49.21
C LYS B 10 -14.54 -10.37 48.29
N ASP B 11 -13.47 -11.17 48.32
CA ASP B 11 -12.24 -10.86 47.61
C ASP B 11 -12.22 -11.39 46.16
N TYR B 12 -12.96 -12.46 45.91
CA TYR B 12 -13.03 -13.10 44.60
C TYR B 12 -14.26 -13.95 44.56
N GLN B 13 -14.65 -14.33 43.37
CA GLN B 13 -15.75 -15.24 43.13
C GLN B 13 -15.37 -16.30 42.11
N THR B 14 -16.19 -17.36 42.02
CA THR B 14 -16.00 -18.37 41.04
C THR B 14 -16.70 -17.95 39.80
N VAL B 15 -16.30 -18.54 38.69
CA VAL B 15 -17.06 -18.44 37.43
C VAL B 15 -17.28 -19.81 36.81
N ALA B 16 -18.22 -19.86 35.88
CA ALA B 16 -18.45 -21.00 35.03
C ALA B 16 -17.44 -20.94 33.87
N SER B 17 -16.74 -22.05 33.65
CA SER B 17 -15.71 -22.07 32.62
C SER B 17 -16.31 -21.82 31.25
N ALA B 18 -15.59 -21.09 30.42
CA ALA B 18 -15.97 -20.83 28.99
C ALA B 18 -14.97 -21.62 28.08
N GLN B 19 -14.09 -22.36 28.70
CA GLN B 19 -12.99 -23.05 28.01
C GLN B 19 -13.54 -24.17 27.14
N LEU B 20 -13.07 -24.24 25.91
CA LEU B 20 -13.49 -25.27 24.97
C LEU B 20 -12.29 -25.91 24.29
N SER B 21 -11.12 -25.85 24.94
CA SER B 21 -9.96 -26.42 24.37
C SER B 21 -8.89 -26.49 25.42
N THR B 22 -7.97 -27.43 25.22
CA THR B 22 -6.75 -27.45 26.03
C THR B 22 -5.72 -26.67 25.22
N ASN B 23 -5.06 -25.72 25.88
CA ASN B 23 -4.14 -24.79 25.26
C ASN B 23 -2.68 -25.34 25.48
N LYS B 24 -1.79 -25.01 24.57
CA LYS B 24 -0.37 -25.35 24.72
C LYS B 24 0.35 -24.39 25.75
N ASP B 25 0.08 -23.08 25.70
CA ASP B 25 0.88 -22.06 26.46
C ASP B 25 0.10 -20.86 27.04
N LYS B 26 -0.93 -21.16 27.80
CA LYS B 26 -1.69 -20.12 28.43
C LYS B 26 -2.01 -20.58 29.84
N THR B 27 -0.97 -20.73 30.66
CA THR B 27 -1.08 -21.25 31.97
C THR B 27 -0.11 -20.47 32.75
N PRO B 28 -0.60 -19.66 33.67
CA PRO B 28 -2.03 -19.31 33.85
C PRO B 28 -2.57 -18.45 32.72
N LEU B 29 -3.87 -18.53 32.47
CA LEU B 29 -4.57 -17.57 31.65
C LEU B 29 -5.26 -16.53 32.53
N ILE B 30 -5.07 -15.26 32.21
CA ILE B 30 -5.73 -14.16 32.86
C ILE B 30 -6.41 -13.29 31.81
N THR B 31 -7.70 -13.15 31.92
CA THR B 31 -8.44 -12.33 31.00
C THR B 31 -8.88 -11.07 31.74
N GLU B 32 -8.50 -9.88 31.23
CA GLU B 32 -8.88 -8.63 31.81
C GLU B 32 -9.95 -7.97 30.96
N PHE B 33 -11.10 -7.69 31.57
CA PHE B 33 -12.14 -6.89 30.94
C PHE B 33 -11.89 -5.44 31.27
N PHE B 34 -11.89 -4.56 30.27
CA PHE B 34 -11.42 -3.20 30.45
C PHE B 34 -12.07 -2.25 29.45
N SER B 35 -11.82 -0.98 29.64
CA SER B 35 -12.00 0.02 28.58
C SER B 35 -11.01 1.12 28.68
N TYR B 36 -10.61 1.68 27.55
CA TYR B 36 -9.85 2.92 27.57
C TYR B 36 -10.63 4.04 28.26
N GLY B 37 -11.94 3.90 28.28
CA GLY B 37 -12.80 4.90 28.90
C GLY B 37 -12.90 4.88 30.39
N CYS B 38 -12.25 3.91 31.03
CA CYS B 38 -12.39 3.64 32.46
C CYS B 38 -11.17 4.14 33.16
N PRO B 39 -11.34 5.09 34.09
CA PRO B 39 -10.16 5.62 34.78
C PRO B 39 -9.41 4.62 35.66
N TRP B 40 -10.12 3.63 36.14
CA TRP B 40 -9.47 2.58 36.95
C TRP B 40 -8.72 1.55 36.15
N CYS B 41 -9.27 1.20 34.98
CA CYS B 41 -8.49 0.46 33.99
C CYS B 41 -7.18 1.15 33.68
N TYR B 42 -7.25 2.46 33.45
CA TYR B 42 -6.06 3.21 33.17
C TYR B 42 -5.03 3.10 34.33
N LYS B 43 -5.49 3.37 35.54
CA LYS B 43 -4.57 3.42 36.67
CA LYS B 43 -4.61 3.40 36.71
C LYS B 43 -3.81 2.10 36.85
N ILE B 44 -4.43 0.95 36.56
CA ILE B 44 -3.73 -0.33 36.78
C ILE B 44 -3.11 -0.92 35.55
N ASP B 45 -3.27 -0.32 34.38
CA ASP B 45 -2.81 -0.97 33.20
C ASP B 45 -1.33 -1.29 33.17
N ALA B 46 -0.50 -0.32 33.47
CA ALA B 46 0.96 -0.55 33.33
C ALA B 46 1.49 -1.50 34.43
N PRO B 47 1.01 -1.33 35.67
CA PRO B 47 1.37 -2.38 36.65
C PRO B 47 0.87 -3.80 36.28
N LEU B 48 -0.31 -3.88 35.70
CA LEU B 48 -0.79 -5.17 35.24
C LEU B 48 0.18 -5.79 34.19
N ASN B 49 0.63 -4.98 33.22
CA ASN B 49 1.63 -5.48 32.27
C ASN B 49 2.90 -5.94 32.92
N ASP B 50 3.36 -5.14 33.87
CA ASP B 50 4.57 -5.54 34.58
C ASP B 50 4.40 -6.89 35.28
N TRP B 51 3.28 -7.01 36.00
CA TRP B 51 2.96 -8.21 36.78
C TRP B 51 2.88 -9.44 35.85
N ALA B 52 2.28 -9.26 34.71
CA ALA B 52 2.11 -10.36 33.74
C ALA B 52 3.43 -10.83 33.18
N THR B 53 4.26 -9.85 32.83
CA THR B 53 5.54 -10.10 32.22
C THR B 53 6.35 -10.88 33.22
N ARG B 54 6.27 -10.48 34.48
CA ARG B 54 6.98 -11.20 35.53
C ARG B 54 6.47 -12.60 35.80
N MET B 55 5.25 -12.92 35.39
CA MET B 55 4.81 -14.33 35.46
C MET B 55 5.71 -15.19 34.54
N GLY B 56 5.92 -16.41 34.98
CA GLY B 56 6.69 -17.36 34.21
C GLY B 56 6.13 -17.46 32.81
N LYS B 57 7.00 -17.45 31.83
CA LYS B 57 6.56 -17.69 30.46
C LYS B 57 5.69 -18.96 30.43
N GLY B 58 4.75 -18.99 29.49
CA GLY B 58 3.55 -19.80 29.64
C GLY B 58 2.34 -19.00 30.14
N ALA B 59 2.57 -17.94 30.89
CA ALA B 59 1.48 -17.08 31.35
C ALA B 59 0.90 -16.33 30.17
N HIS B 60 -0.39 -16.07 30.17
CA HIS B 60 -0.94 -15.29 29.07
C HIS B 60 -1.98 -14.35 29.63
N LEU B 61 -1.79 -13.07 29.32
CA LEU B 61 -2.76 -12.03 29.66
C LEU B 61 -3.49 -11.64 28.38
N GLU B 62 -4.79 -11.74 28.43
CA GLU B 62 -5.64 -11.38 27.29
C GLU B 62 -6.49 -10.21 27.73
N ARG B 63 -6.66 -9.20 26.87
CA ARG B 63 -7.55 -8.09 27.21
C ARG B 63 -8.80 -8.16 26.39
N VAL B 64 -9.91 -7.85 27.04
CA VAL B 64 -11.18 -7.81 26.36
C VAL B 64 -11.84 -6.43 26.67
N PRO B 65 -11.96 -5.56 25.69
CA PRO B 65 -12.66 -4.30 25.93
C PRO B 65 -14.18 -4.47 26.06
N VAL B 66 -14.80 -3.66 26.89
CA VAL B 66 -16.25 -3.69 27.09
C VAL B 66 -16.96 -2.40 26.65
N VAL B 67 -18.27 -2.44 26.58
CA VAL B 67 -19.03 -1.32 26.08
C VAL B 67 -20.12 -0.94 27.09
N PHE B 68 -19.84 -0.01 27.96
CA PHE B 68 -20.73 0.33 29.05
C PHE B 68 -21.30 1.73 28.96
N LYS B 69 -20.65 2.56 28.15
CA LYS B 69 -20.84 3.97 28.10
C LYS B 69 -20.74 4.40 26.67
N PRO B 70 -21.26 5.57 26.41
CA PRO B 70 -21.13 6.22 25.12
C PRO B 70 -19.65 6.26 24.73
N ASN B 71 -19.37 5.99 23.48
CA ASN B 71 -18.03 6.03 22.90
C ASN B 71 -17.22 4.76 23.21
N TRP B 72 -17.67 3.93 24.14
CA TRP B 72 -16.86 2.73 24.47
C TRP B 72 -16.85 1.68 23.37
N ASP B 73 -17.87 1.69 22.51
CA ASP B 73 -17.82 0.85 21.32
C ASP B 73 -16.63 1.18 20.46
N LEU B 74 -16.44 2.46 20.17
CA LEU B 74 -15.29 2.91 19.42
C LEU B 74 -13.98 2.61 20.15
N TYR B 75 -13.99 2.75 21.46
CA TYR B 75 -12.79 2.46 22.22
C TYR B 75 -12.42 0.96 22.08
N ALA B 76 -13.42 0.11 22.04
CA ALA B 76 -13.19 -1.31 21.90
C ALA B 76 -12.66 -1.59 20.50
N LYS B 77 -13.26 -0.96 19.49
CA LYS B 77 -12.71 -1.08 18.13
C LYS B 77 -11.27 -0.63 18.02
N ALA B 78 -10.91 0.41 18.73
CA ALA B 78 -9.58 0.90 18.73
C ALA B 78 -8.60 -0.16 19.29
N TYR B 79 -8.98 -0.78 20.43
CA TYR B 79 -8.18 -1.86 21.01
C TYR B 79 -7.94 -3.00 19.97
N TYR B 80 -9.00 -3.46 19.35
CA TYR B 80 -8.86 -4.54 18.36
C TYR B 80 -8.10 -4.13 17.17
N THR B 81 -8.25 -2.87 16.75
CA THR B 81 -7.47 -2.39 15.62
C THR B 81 -5.98 -2.40 15.95
N ALA B 82 -5.63 -1.87 17.14
CA ALA B 82 -4.23 -1.87 17.55
C ALA B 82 -3.67 -3.31 17.64
N LYS B 83 -4.49 -4.22 18.14
CA LYS B 83 -4.07 -5.61 18.29
CA LYS B 83 -4.10 -5.62 18.29
C LYS B 83 -3.83 -6.26 16.94
N THR B 84 -4.76 -6.09 16.01
CA THR B 84 -4.63 -6.69 14.66
C THR B 84 -3.43 -6.16 13.92
N LEU B 85 -3.07 -4.88 14.16
CA LEU B 85 -1.86 -4.35 13.61
C LEU B 85 -0.57 -4.67 14.38
N ALA B 86 -0.68 -5.48 15.42
CA ALA B 86 0.45 -5.80 16.27
C ALA B 86 1.06 -4.58 16.93
N MET B 87 0.22 -3.63 17.40
CA MET B 87 0.76 -2.41 17.97
C MET B 87 0.08 -2.06 19.31
N SER B 88 -0.47 -3.07 19.96
CA SER B 88 -1.16 -2.87 21.25
C SER B 88 -0.28 -2.27 22.30
N ASP B 89 0.93 -2.78 22.39
CA ASP B 89 1.82 -2.34 23.46
C ASP B 89 2.10 -0.86 23.36
N LYS B 90 2.31 -0.38 22.15
CA LYS B 90 2.54 1.02 21.88
C LYS B 90 1.24 1.81 22.07
N MET B 91 0.14 1.30 21.54
CA MET B 91 -1.05 2.16 21.45
C MET B 91 -1.87 2.16 22.72
N ASN B 92 -1.85 1.10 23.50
CA ASN B 92 -2.68 1.10 24.71
C ASN B 92 -2.42 2.30 25.64
N PRO B 93 -1.18 2.56 26.01
CA PRO B 93 -0.94 3.79 26.83
C PRO B 93 -1.29 5.11 26.14
N ILE B 94 -1.10 5.16 24.81
CA ILE B 94 -1.33 6.36 24.06
C ILE B 94 -2.84 6.65 24.03
N LEU B 95 -3.62 5.60 23.86
CA LEU B 95 -5.07 5.72 23.81
C LEU B 95 -5.62 6.10 25.20
N PHE B 96 -5.12 5.39 26.23
CA PHE B 96 -5.49 5.72 27.59
C PHE B 96 -5.22 7.21 27.88
N LYS B 97 -4.04 7.67 27.51
CA LYS B 97 -3.68 9.02 27.85
C LYS B 97 -4.53 10.07 27.13
N ALA B 98 -4.76 9.85 25.84
CA ALA B 98 -5.58 10.77 25.07
C ALA B 98 -6.98 10.88 25.69
N ILE B 99 -7.57 9.73 25.99
CA ILE B 99 -8.95 9.70 26.46
C ILE B 99 -9.06 10.17 27.91
N GLN B 100 -8.12 9.75 28.74
CA GLN B 100 -8.24 10.06 30.15
C GLN B 100 -7.62 11.38 30.52
N GLU B 101 -6.47 11.70 29.97
CA GLU B 101 -5.73 12.89 30.42
C GLU B 101 -6.00 14.04 29.55
N ASP B 102 -6.00 13.83 28.25
CA ASP B 102 -6.23 14.94 27.37
C ASP B 102 -7.75 15.18 27.19
N LYS B 103 -8.58 14.30 27.78
CA LYS B 103 -10.04 14.39 27.65
C LYS B 103 -10.47 14.59 26.20
N ASN B 104 -9.80 13.87 25.31
CA ASN B 104 -10.15 13.84 23.90
C ASN B 104 -11.07 12.68 23.80
N PRO B 105 -12.36 12.95 23.54
CA PRO B 105 -13.26 11.81 23.55
C PRO B 105 -13.08 10.81 22.38
N LEU B 106 -12.39 11.18 21.32
CA LEU B 106 -12.20 10.27 20.19
C LEU B 106 -13.50 9.57 19.83
N ALA B 107 -14.52 10.40 19.63
CA ALA B 107 -15.89 9.94 19.64
C ALA B 107 -16.45 9.64 18.29
N THR B 108 -15.69 9.88 17.23
CA THR B 108 -16.10 9.47 15.89
C THR B 108 -15.03 8.59 15.23
N LYS B 109 -15.48 7.80 14.26
CA LYS B 109 -14.65 6.95 13.43
C LYS B 109 -13.58 7.82 12.83
N GLN B 110 -13.94 9.00 12.32
CA GLN B 110 -12.95 9.91 11.73
C GLN B 110 -11.88 10.38 12.70
N SER B 111 -12.26 10.69 13.93
CA SER B 111 -11.28 11.12 14.95
C SER B 111 -10.32 9.97 15.31
N MET B 112 -10.82 8.73 15.29
CA MET B 112 -9.98 7.54 15.58
C MET B 112 -9.02 7.24 14.44
N VAL B 113 -9.51 7.32 13.20
CA VAL B 113 -8.65 7.23 12.02
C VAL B 113 -7.53 8.25 12.11
N ASP B 114 -7.87 9.50 12.39
CA ASP B 114 -6.87 10.59 12.43
C ASP B 114 -5.82 10.30 13.50
N PHE B 115 -6.30 9.79 14.62
CA PHE B 115 -5.42 9.55 15.71
C PHE B 115 -4.43 8.42 15.44
N PHE B 116 -4.92 7.33 14.88
CA PHE B 116 -4.05 6.24 14.45
C PHE B 116 -3.03 6.70 13.41
N VAL B 117 -3.47 7.53 12.48
CA VAL B 117 -2.54 8.00 11.44
C VAL B 117 -1.43 8.88 12.06
N ALA B 118 -1.83 9.74 13.00
CA ALA B 118 -0.89 10.58 13.74
C ALA B 118 0.12 9.73 14.46
N HIS B 119 -0.22 8.48 14.79
CA HIS B 119 0.70 7.57 15.40
C HIS B 119 1.36 6.58 14.49
N GLY B 120 1.34 6.86 13.19
CA GLY B 120 2.12 6.12 12.25
C GLY B 120 1.39 5.07 11.39
N VAL B 121 0.10 4.89 11.60
CA VAL B 121 -0.64 3.88 10.83
C VAL B 121 -1.03 4.47 9.47
N ASP B 122 -0.94 3.65 8.44
CA ASP B 122 -1.35 4.07 7.12
CA ASP B 122 -1.41 3.96 7.08
C ASP B 122 -2.87 4.42 7.18
N ARG B 123 -3.23 5.53 6.57
CA ARG B 123 -4.62 5.99 6.68
C ARG B 123 -5.64 5.01 6.14
N GLU B 124 -5.34 4.38 5.02
CA GLU B 124 -6.19 3.47 4.29
CA GLU B 124 -6.41 3.58 4.45
C GLU B 124 -6.57 2.28 5.21
N ILE B 125 -5.50 1.83 5.82
CA ILE B 125 -5.59 0.69 6.73
C ILE B 125 -6.40 1.07 7.96
N ALA B 126 -6.15 2.25 8.54
CA ALA B 126 -6.90 2.68 9.70
C ALA B 126 -8.38 2.84 9.35
N LYS B 127 -8.67 3.41 8.19
CA LYS B 127 -10.07 3.57 7.80
C LYS B 127 -10.76 2.22 7.67
N SER B 128 -10.11 1.29 6.98
CA SER B 128 -10.75 0.01 6.80
C SER B 128 -11.07 -0.63 8.16
N ALA B 129 -10.16 -0.53 9.10
CA ALA B 129 -10.39 -1.13 10.42
C ALA B 129 -11.58 -0.51 11.18
N PHE B 130 -11.68 0.83 11.12
CA PHE B 130 -12.64 1.54 11.86
C PHE B 130 -13.98 1.66 11.10
N GLU B 131 -13.96 1.64 9.78
CA GLU B 131 -15.14 2.01 9.01
C GLU B 131 -15.75 0.82 8.34
N ASN B 132 -14.98 -0.21 7.97
CA ASN B 132 -15.60 -1.37 7.33
C ASN B 132 -14.84 -2.68 7.61
N SER B 133 -14.71 -2.98 8.88
CA SER B 133 -14.31 -4.28 9.29
C SER B 133 -15.41 -4.95 10.15
N PRO B 134 -16.25 -5.78 9.51
CA PRO B 134 -17.15 -6.67 10.27
C PRO B 134 -16.35 -7.61 11.21
N THR B 135 -15.10 -7.93 10.85
CA THR B 135 -14.24 -8.77 11.71
C THR B 135 -13.95 -8.07 13.05
N ILE B 136 -13.52 -6.81 13.00
CA ILE B 136 -13.35 -6.05 14.24
C ILE B 136 -14.68 -5.83 14.98
N ASP B 137 -15.78 -5.53 14.27
CA ASP B 137 -17.08 -5.43 14.97
C ASP B 137 -17.40 -6.75 15.71
N MET B 138 -17.10 -7.86 15.05
CA MET B 138 -17.41 -9.20 15.61
C MET B 138 -16.63 -9.48 16.89
N ARG B 139 -15.37 -9.04 16.95
CA ARG B 139 -14.52 -9.23 18.14
C ARG B 139 -15.05 -8.42 19.29
N VAL B 140 -15.57 -7.21 18.99
CA VAL B 140 -16.22 -6.44 20.04
C VAL B 140 -17.39 -7.20 20.66
N ASN B 141 -18.23 -7.70 19.82
CA ASN B 141 -19.40 -8.46 20.35
C ASN B 141 -19.07 -9.76 21.06
N SER B 142 -18.04 -10.43 20.57
CA SER B 142 -17.65 -11.70 21.12
C SER B 142 -17.08 -11.46 22.56
N GLY B 143 -16.33 -10.37 22.73
CA GLY B 143 -15.88 -10.02 24.09
C GLY B 143 -17.01 -9.72 25.08
N MET B 144 -18.00 -8.98 24.63
CA MET B 144 -19.15 -8.71 25.47
C MET B 144 -19.93 -9.99 25.85
N SER B 145 -20.02 -10.95 24.93
CA SER B 145 -20.70 -12.23 25.28
C SER B 145 -19.95 -13.00 26.35
N LEU B 146 -18.63 -12.99 26.23
CA LEU B 146 -17.82 -13.64 27.24
C LEU B 146 -17.99 -13.00 28.60
N MET B 147 -17.97 -11.67 28.62
CA MET B 147 -18.17 -10.91 29.85
C MET B 147 -19.43 -11.34 30.56
N ALA B 148 -20.50 -11.44 29.79
CA ALA B 148 -21.79 -11.84 30.34
C ALA B 148 -21.80 -13.28 30.85
N HIS B 149 -21.11 -14.18 30.13
CA HIS B 149 -20.98 -15.57 30.57
C HIS B 149 -20.38 -15.61 31.97
N TYR B 150 -19.36 -14.78 32.19
CA TYR B 150 -18.68 -14.71 33.49
C TYR B 150 -19.43 -13.88 34.53
N GLN B 151 -20.59 -13.35 34.15
CA GLN B 151 -21.42 -12.52 35.07
C GLN B 151 -20.66 -11.28 35.62
N ILE B 152 -19.93 -10.65 34.73
CA ILE B 152 -19.17 -9.45 35.09
C ILE B 152 -19.91 -8.24 34.58
N ASN B 153 -20.02 -7.23 35.42
CA ASN B 153 -20.74 -5.99 35.12
CA ASN B 153 -20.75 -6.01 35.11
C ASN B 153 -19.98 -4.76 35.56
N ALA B 154 -18.70 -4.93 35.88
CA ALA B 154 -17.85 -3.79 36.24
C ALA B 154 -16.38 -4.07 35.87
N VAL B 155 -15.68 -3.02 35.45
CA VAL B 155 -14.28 -3.13 35.05
C VAL B 155 -13.44 -2.15 35.89
N PRO B 156 -12.13 -2.39 35.99
CA PRO B 156 -11.42 -3.55 35.44
C PRO B 156 -11.77 -4.82 36.21
N ALA B 157 -11.90 -5.91 35.49
CA ALA B 157 -12.17 -7.20 36.09
C ALA B 157 -11.25 -8.25 35.50
N PHE B 158 -11.00 -9.29 36.26
CA PHE B 158 -10.05 -10.32 35.90
C PHE B 158 -10.63 -11.70 36.10
N VAL B 159 -10.41 -12.57 35.14
CA VAL B 159 -10.76 -13.96 35.24
C VAL B 159 -9.51 -14.81 35.09
N VAL B 160 -9.33 -15.72 36.01
CA VAL B 160 -8.13 -16.49 36.15
C VAL B 160 -8.43 -17.98 35.91
N ASN B 161 -7.75 -18.54 34.91
CA ASN B 161 -7.91 -19.92 34.49
C ASN B 161 -9.35 -20.44 34.32
N ASN B 162 -10.20 -19.57 33.88
CA ASN B 162 -11.61 -19.90 33.70
C ASN B 162 -12.27 -20.43 34.94
N LYS B 163 -11.82 -19.99 36.09
CA LYS B 163 -12.30 -20.58 37.35
C LYS B 163 -12.66 -19.55 38.42
N TYR B 164 -11.85 -18.49 38.56
CA TYR B 164 -12.04 -17.44 39.53
C TYR B 164 -12.02 -16.05 38.93
N LYS B 165 -12.81 -15.12 39.49
CA LYS B 165 -12.77 -13.74 39.06
C LYS B 165 -12.56 -12.82 40.25
N THR B 166 -12.03 -11.62 39.97
CA THR B 166 -11.91 -10.53 40.92
C THR B 166 -11.93 -9.19 40.18
N ASP B 167 -11.86 -8.10 40.93
CA ASP B 167 -11.78 -6.79 40.30
C ASP B 167 -11.20 -5.79 41.28
N LEU B 168 -11.00 -4.57 40.85
CA LEU B 168 -10.36 -3.61 41.77
C LEU B 168 -11.28 -3.26 42.90
N GLN B 169 -12.57 -3.21 42.60
CA GLN B 169 -13.51 -2.88 43.64
C GLN B 169 -13.43 -3.89 44.81
N MET B 170 -13.43 -5.16 44.48
CA MET B 170 -13.35 -6.22 45.44
C MET B 170 -12.03 -6.18 46.16
N ALA B 171 -10.96 -5.90 45.44
CA ALA B 171 -9.65 -5.92 46.07
C ALA B 171 -9.44 -4.77 47.04
N GLY B 172 -9.93 -3.59 46.64
CA GLY B 172 -9.83 -2.40 47.49
C GLY B 172 -8.62 -1.53 47.26
N SER B 173 -7.58 -2.08 46.64
CA SER B 173 -6.42 -1.32 46.26
C SER B 173 -5.63 -2.11 45.22
N GLU B 174 -4.75 -1.44 44.51
CA GLU B 174 -3.88 -2.04 43.51
C GLU B 174 -3.01 -3.14 44.11
N GLU B 175 -2.42 -2.85 45.27
CA GLU B 175 -1.49 -3.79 45.88
C GLU B 175 -2.23 -5.06 46.30
N ARG B 176 -3.42 -4.92 46.83
CA ARG B 176 -4.19 -6.08 47.24
C ARG B 176 -4.77 -6.85 46.00
N LEU B 177 -5.12 -6.13 44.93
CA LEU B 177 -5.53 -6.79 43.71
C LEU B 177 -4.45 -7.78 43.22
N PHE B 178 -3.20 -7.37 43.17
CA PHE B 178 -2.15 -8.28 42.71
C PHE B 178 -1.86 -9.45 43.68
N GLU B 179 -2.09 -9.21 44.96
CA GLU B 179 -2.02 -10.32 45.93
C GLU B 179 -3.12 -11.34 45.66
N ILE B 180 -4.32 -10.84 45.38
CA ILE B 180 -5.42 -11.71 45.09
C ILE B 180 -5.18 -12.47 43.79
N LEU B 181 -4.64 -11.80 42.75
CA LEU B 181 -4.39 -12.50 41.48
C LEU B 181 -3.36 -13.58 41.69
N ASN B 182 -2.33 -13.29 42.45
CA ASN B 182 -1.30 -14.29 42.72
C ASN B 182 -1.84 -15.51 43.40
N TYR B 183 -2.71 -15.29 44.37
CA TYR B 183 -3.41 -16.37 45.07
C TYR B 183 -4.18 -17.18 44.11
N LEU B 184 -4.97 -16.50 43.26
CA LEU B 184 -5.85 -17.21 42.34
C LEU B 184 -5.13 -18.04 41.32
N VAL B 185 -4.01 -17.51 40.83
CA VAL B 185 -3.15 -18.26 39.93
C VAL B 185 -2.67 -19.59 40.62
N ARG B 186 -2.26 -19.48 41.88
CA ARG B 186 -1.82 -20.68 42.60
C ARG B 186 -2.98 -21.61 42.92
N LYS B 187 -4.13 -21.03 43.21
CA LYS B 187 -5.24 -21.84 43.64
C LYS B 187 -5.78 -22.68 42.49
N SER B 188 -5.67 -22.13 41.29
CA SER B 188 -6.18 -22.82 40.15
C SER B 188 -5.11 -23.61 39.41
N ALA B 189 -3.86 -23.63 39.88
CA ALA B 189 -2.77 -24.28 39.11
C ALA B 189 -2.87 -25.83 39.06
N GLN C 5 42.22 -6.34 -2.89
CA GLN C 5 41.98 -4.86 -2.82
C GLN C 5 41.21 -4.34 -4.07
N PHE C 6 40.38 -3.30 -3.94
CA PHE C 6 39.33 -3.12 -4.93
C PHE C 6 39.37 -1.81 -5.70
N ILE C 7 38.97 -1.86 -6.96
CA ILE C 7 39.17 -0.76 -7.94
C ILE C 7 37.86 -0.02 -8.25
N GLU C 8 37.83 1.28 -8.00
CA GLU C 8 36.65 2.06 -8.27
C GLU C 8 36.44 2.09 -9.75
N GLY C 9 35.20 1.90 -10.17
CA GLY C 9 34.87 1.77 -11.56
C GLY C 9 34.79 0.33 -12.04
N LYS C 10 35.37 -0.63 -11.29
CA LYS C 10 35.38 -1.99 -11.73
C LYS C 10 34.66 -2.82 -10.69
N ASP C 11 35.12 -2.77 -9.45
CA ASP C 11 34.57 -3.58 -8.39
C ASP C 11 33.41 -2.91 -7.62
N TYR C 12 33.37 -1.60 -7.73
CA TYR C 12 32.32 -0.80 -7.12
C TYR C 12 32.34 0.55 -7.85
N GLN C 13 31.26 1.27 -7.70
CA GLN C 13 31.13 2.61 -8.28
C GLN C 13 30.65 3.61 -7.31
N THR C 14 30.89 4.88 -7.60
CA THR C 14 30.40 5.93 -6.76
C THR C 14 28.94 6.17 -7.18
N VAL C 15 28.20 6.65 -6.20
CA VAL C 15 26.90 7.21 -6.43
C VAL C 15 26.81 8.64 -5.93
N ALA C 16 25.85 9.35 -6.49
CA ALA C 16 25.41 10.61 -5.93
C ALA C 16 24.57 10.36 -4.68
N SER C 17 24.84 11.05 -3.60
CA SER C 17 24.11 10.79 -2.37
C SER C 17 22.64 11.25 -2.54
N ALA C 18 21.72 10.47 -2.00
CA ALA C 18 20.33 10.83 -1.90
C ALA C 18 20.03 11.39 -0.47
N GLN C 19 21.07 11.52 0.36
CA GLN C 19 20.82 11.84 1.78
C GLN C 19 20.51 13.33 1.91
N LEU C 20 19.43 13.65 2.61
CA LEU C 20 19.09 15.04 2.94
C LEU C 20 18.74 15.21 4.44
N SER C 21 19.20 14.28 5.28
CA SER C 21 18.93 14.37 6.71
C SER C 21 19.88 13.44 7.42
N THR C 22 20.02 13.65 8.73
CA THR C 22 20.78 12.78 9.59
C THR C 22 19.79 12.02 10.45
N ASN C 23 19.94 10.70 10.47
CA ASN C 23 19.07 9.86 11.17
C ASN C 23 19.71 9.45 12.44
N LYS C 24 18.86 8.92 13.29
CA LYS C 24 19.30 8.31 14.51
CA LYS C 24 19.30 8.30 14.51
C LYS C 24 19.57 6.86 14.09
N ASP C 25 20.59 6.23 14.63
CA ASP C 25 20.79 4.82 14.38
C ASP C 25 20.53 4.38 12.94
N LYS C 26 21.30 4.84 12.00
CA LYS C 26 21.15 4.19 10.69
C LYS C 26 22.48 4.30 10.00
N THR C 27 23.57 3.97 10.70
CA THR C 27 24.84 3.96 10.02
C THR C 27 25.76 3.00 10.69
N PRO C 28 26.64 2.37 9.90
CA PRO C 28 26.62 2.39 8.41
C PRO C 28 25.30 1.87 7.81
N LEU C 29 24.89 2.53 6.74
CA LEU C 29 23.67 2.23 6.03
C LEU C 29 24.03 1.39 4.78
N ILE C 30 23.37 0.26 4.61
CA ILE C 30 23.51 -0.55 3.44
C ILE C 30 22.10 -0.75 2.88
N THR C 31 21.89 -0.30 1.65
CA THR C 31 20.59 -0.46 1.04
C THR C 31 20.74 -1.55 -0.01
N GLU C 32 19.91 -2.58 0.06
CA GLU C 32 19.82 -3.61 -0.92
C GLU C 32 18.62 -3.39 -1.78
N PHE C 33 18.84 -3.24 -3.09
CA PHE C 33 17.75 -3.20 -4.07
C PHE C 33 17.57 -4.65 -4.50
N PHE C 34 16.35 -5.11 -4.48
CA PHE C 34 16.04 -6.53 -4.65
C PHE C 34 14.63 -6.70 -5.22
N SER C 35 14.30 -7.94 -5.56
CA SER C 35 12.90 -8.35 -5.78
C SER C 35 12.69 -9.76 -5.37
N TYR C 36 11.50 -10.06 -4.88
CA TYR C 36 11.10 -11.46 -4.65
C TYR C 36 11.12 -12.20 -5.95
N GLY C 37 10.99 -11.50 -7.08
CA GLY C 37 11.02 -12.13 -8.33
C GLY C 37 12.38 -12.55 -8.86
N CYS C 38 13.45 -12.24 -8.14
CA CYS C 38 14.83 -12.34 -8.65
C CYS C 38 15.48 -13.53 -8.00
N PRO C 39 15.81 -14.52 -8.82
CA PRO C 39 16.46 -15.71 -8.19
C PRO C 39 17.83 -15.45 -7.60
N TRP C 40 18.57 -14.45 -8.07
CA TRP C 40 19.86 -14.04 -7.46
C TRP C 40 19.66 -13.38 -6.10
N CYS C 41 18.63 -12.54 -5.95
CA CYS C 41 18.19 -11.96 -4.66
C CYS C 41 17.76 -13.05 -3.67
N TYR C 42 17.06 -14.06 -4.17
CA TYR C 42 16.66 -15.17 -3.29
C TYR C 42 17.92 -15.91 -2.84
N LYS C 43 18.80 -16.23 -3.77
CA LYS C 43 19.99 -17.10 -3.44
C LYS C 43 20.90 -16.34 -2.47
N ILE C 44 20.99 -15.02 -2.56
CA ILE C 44 21.85 -14.25 -1.65
C ILE C 44 21.20 -13.89 -0.35
N ASP C 45 19.87 -14.10 -0.19
CA ASP C 45 19.22 -13.53 0.95
C ASP C 45 19.71 -14.11 2.30
N ALA C 46 19.87 -15.41 2.38
CA ALA C 46 20.35 -16.01 3.66
C ALA C 46 21.79 -15.59 4.00
N PRO C 47 22.72 -15.65 3.06
CA PRO C 47 24.04 -15.10 3.38
C PRO C 47 24.04 -13.58 3.71
N LEU C 48 23.17 -12.81 3.04
CA LEU C 48 23.07 -11.41 3.39
C LEU C 48 22.56 -11.26 4.81
N ASN C 49 21.53 -12.03 5.18
CA ASN C 49 21.04 -11.92 6.55
C ASN C 49 22.11 -12.35 7.56
N ASP C 50 22.85 -13.40 7.24
CA ASP C 50 23.94 -13.82 8.11
CA ASP C 50 23.93 -13.82 8.13
C ASP C 50 24.98 -12.70 8.25
N TRP C 51 25.33 -12.04 7.12
CA TRP C 51 26.34 -10.99 7.09
C TRP C 51 25.88 -9.82 7.96
N ALA C 52 24.62 -9.48 7.84
CA ALA C 52 24.07 -8.35 8.57
C ALA C 52 24.06 -8.63 10.07
N THR C 53 23.69 -9.85 10.45
CA THR C 53 23.73 -10.31 11.83
C THR C 53 25.13 -10.17 12.39
N ARG C 54 26.13 -10.69 11.67
CA ARG C 54 27.51 -10.59 12.10
C ARG C 54 28.06 -9.17 12.11
N MET C 55 27.41 -8.22 11.43
CA MET C 55 27.72 -6.78 11.55
C MET C 55 27.08 -6.11 12.74
N GLY C 56 25.98 -6.67 13.24
CA GLY C 56 25.27 -6.13 14.40
C GLY C 56 24.83 -4.68 14.25
N LYS C 57 24.70 -3.98 15.38
CA LYS C 57 24.41 -2.53 15.41
C LYS C 57 25.51 -1.75 14.68
N GLY C 58 26.56 -2.46 14.21
CA GLY C 58 27.57 -1.97 13.27
C GLY C 58 27.15 -1.87 11.79
N ALA C 59 25.90 -2.16 11.44
CA ALA C 59 25.35 -1.86 10.10
C ALA C 59 23.84 -1.90 10.13
N HIS C 60 23.17 -1.02 9.36
CA HIS C 60 21.70 -1.00 9.30
C HIS C 60 21.38 -1.38 7.83
N LEU C 61 20.71 -2.50 7.64
CA LEU C 61 20.36 -3.00 6.31
C LEU C 61 18.96 -2.58 5.98
N GLU C 62 18.80 -1.96 4.84
CA GLU C 62 17.48 -1.64 4.43
C GLU C 62 17.26 -2.26 3.08
N ARG C 63 16.03 -2.66 2.77
CA ARG C 63 15.73 -3.28 1.50
C ARG C 63 14.73 -2.46 0.67
N VAL C 64 14.94 -2.41 -0.60
CA VAL C 64 14.10 -1.59 -1.49
C VAL C 64 13.75 -2.46 -2.68
N PRO C 65 12.44 -2.75 -2.90
CA PRO C 65 12.09 -3.59 -4.03
C PRO C 65 12.09 -2.78 -5.30
N VAL C 66 12.39 -3.43 -6.40
CA VAL C 66 12.43 -2.82 -7.71
C VAL C 66 11.43 -3.43 -8.65
N VAL C 67 11.14 -2.70 -9.71
CA VAL C 67 10.19 -3.12 -10.67
C VAL C 67 10.81 -3.15 -12.03
N PHE C 68 11.16 -4.35 -12.48
CA PHE C 68 11.87 -4.55 -13.75
C PHE C 68 11.03 -5.21 -14.81
N LYS C 69 9.89 -5.73 -14.43
CA LYS C 69 9.01 -6.54 -15.31
C LYS C 69 7.64 -6.70 -14.67
N PRO C 70 6.64 -7.20 -15.44
CA PRO C 70 5.32 -7.52 -14.89
C PRO C 70 5.32 -8.37 -13.65
N ASN C 71 4.46 -7.99 -12.70
CA ASN C 71 4.25 -8.64 -11.41
C ASN C 71 5.21 -8.15 -10.34
N TRP C 72 6.36 -7.58 -10.75
CA TRP C 72 7.30 -7.07 -9.75
C TRP C 72 6.77 -5.87 -8.99
N ASP C 73 5.79 -5.13 -9.57
CA ASP C 73 5.13 -4.09 -8.87
C ASP C 73 4.36 -4.68 -7.66
N LEU C 74 3.62 -5.76 -7.88
CA LEU C 74 2.91 -6.40 -6.83
C LEU C 74 3.82 -7.05 -5.81
N TYR C 75 4.95 -7.54 -6.27
CA TYR C 75 5.98 -8.07 -5.31
C TYR C 75 6.50 -6.91 -4.41
N ALA C 76 6.65 -5.72 -4.98
CA ALA C 76 7.13 -4.59 -4.19
C ALA C 76 6.07 -4.21 -3.18
N LYS C 77 4.80 -4.15 -3.63
CA LYS C 77 3.71 -3.89 -2.69
C LYS C 77 3.64 -4.85 -1.55
N ALA C 78 3.91 -6.12 -1.85
CA ALA C 78 3.94 -7.11 -0.83
C ALA C 78 4.97 -6.81 0.20
N TYR C 79 6.17 -6.44 -0.25
CA TYR C 79 7.27 -6.07 0.69
C TYR C 79 6.82 -4.94 1.63
N TYR C 80 6.26 -3.86 1.04
CA TYR C 80 5.87 -2.73 1.84
C TYR C 80 4.66 -3.05 2.75
N THR C 81 3.76 -3.93 2.28
CA THR C 81 2.59 -4.33 3.07
C THR C 81 3.07 -5.07 4.28
N ALA C 82 3.93 -6.04 4.07
CA ALA C 82 4.54 -6.76 5.17
C ALA C 82 5.21 -5.79 6.12
N LYS C 83 5.93 -4.84 5.58
CA LYS C 83 6.65 -3.88 6.41
C LYS C 83 5.70 -3.03 7.26
N THR C 84 4.67 -2.49 6.64
CA THR C 84 3.75 -1.65 7.35
C THR C 84 3.01 -2.40 8.45
N LEU C 85 2.78 -3.69 8.23
CA LEU C 85 2.12 -4.54 9.21
C LEU C 85 3.09 -5.13 10.19
N ALA C 86 4.34 -4.74 10.11
CA ALA C 86 5.34 -5.23 11.02
C ALA C 86 5.56 -6.72 10.94
N MET C 87 5.62 -7.27 9.75
CA MET C 87 5.83 -8.69 9.59
C MET C 87 6.88 -9.05 8.54
N SER C 88 7.77 -8.13 8.26
CA SER C 88 8.77 -8.37 7.22
C SER C 88 9.66 -9.60 7.49
N ASP C 89 10.07 -9.77 8.73
CA ASP C 89 11.01 -10.87 9.03
C ASP C 89 10.35 -12.22 8.76
N LYS C 90 9.09 -12.34 9.15
CA LYS C 90 8.32 -13.54 8.85
C LYS C 90 8.10 -13.66 7.34
N MET C 91 7.68 -12.57 6.69
CA MET C 91 7.10 -12.73 5.34
C MET C 91 8.13 -12.67 4.27
N ASN C 92 9.27 -12.02 4.50
CA ASN C 92 10.29 -12.05 3.45
C ASN C 92 10.61 -13.47 2.91
N PRO C 93 10.98 -14.40 3.79
CA PRO C 93 11.34 -15.71 3.25
C PRO C 93 10.19 -16.48 2.68
N ILE C 94 8.99 -16.23 3.23
CA ILE C 94 7.79 -16.88 2.82
C ILE C 94 7.44 -16.45 1.39
N LEU C 95 7.59 -15.17 1.12
CA LEU C 95 7.27 -14.62 -0.17
C LEU C 95 8.29 -15.05 -1.22
N PHE C 96 9.60 -15.04 -0.83
CA PHE C 96 10.64 -15.60 -1.72
C PHE C 96 10.29 -17.00 -2.13
N LYS C 97 9.97 -17.83 -1.14
CA LYS C 97 9.73 -19.21 -1.44
C LYS C 97 8.55 -19.49 -2.27
N ALA C 98 7.42 -18.79 -2.00
CA ALA C 98 6.24 -18.97 -2.80
C ALA C 98 6.50 -18.64 -4.26
N ILE C 99 7.13 -17.51 -4.47
CA ILE C 99 7.39 -17.08 -5.84
C ILE C 99 8.44 -17.85 -6.59
N GLN C 100 9.54 -18.17 -5.88
CA GLN C 100 10.65 -18.83 -6.52
C GLN C 100 10.54 -20.33 -6.58
N GLU C 101 9.96 -20.97 -5.55
CA GLU C 101 9.92 -22.44 -5.46
C GLU C 101 8.56 -23.05 -5.72
N ASP C 102 7.50 -22.42 -5.29
CA ASP C 102 6.18 -23.03 -5.36
C ASP C 102 5.31 -22.73 -6.56
N LYS C 103 5.80 -21.96 -7.52
CA LYS C 103 5.12 -21.84 -8.78
C LYS C 103 3.88 -21.06 -8.50
N ASN C 104 4.05 -20.07 -7.64
CA ASN C 104 2.94 -19.25 -7.36
C ASN C 104 3.27 -17.84 -7.71
N PRO C 105 2.89 -17.42 -8.90
CA PRO C 105 3.29 -16.07 -9.31
C PRO C 105 2.68 -14.94 -8.51
N LEU C 106 1.66 -15.22 -7.71
CA LEU C 106 1.06 -14.19 -6.88
C LEU C 106 0.93 -12.93 -7.75
N ALA C 107 0.29 -13.09 -8.89
CA ALA C 107 0.25 -12.09 -9.97
C ALA C 107 -0.99 -11.19 -9.98
N THR C 108 -1.92 -11.35 -9.03
CA THR C 108 -3.01 -10.46 -8.89
C THR C 108 -3.09 -9.93 -7.47
N LYS C 109 -3.76 -8.80 -7.31
CA LYS C 109 -4.09 -8.20 -6.06
C LYS C 109 -4.83 -9.25 -5.25
N GLN C 110 -5.83 -9.90 -5.84
CA GLN C 110 -6.52 -10.94 -5.10
C GLN C 110 -5.68 -12.11 -4.55
N SER C 111 -4.75 -12.59 -5.36
CA SER C 111 -3.89 -13.65 -4.95
C SER C 111 -3.02 -13.21 -3.79
N MET C 112 -2.56 -11.93 -3.81
CA MET C 112 -1.79 -11.43 -2.70
C MET C 112 -2.63 -11.31 -1.43
N VAL C 113 -3.85 -10.74 -1.54
CA VAL C 113 -4.73 -10.68 -0.41
C VAL C 113 -4.92 -12.07 0.22
N ASP C 114 -5.24 -13.03 -0.57
CA ASP C 114 -5.47 -14.42 -0.10
C ASP C 114 -4.25 -14.95 0.60
N PHE C 115 -3.08 -14.66 0.04
CA PHE C 115 -1.81 -15.17 0.62
C PHE C 115 -1.51 -14.55 2.01
N PHE C 116 -1.72 -13.24 2.14
CA PHE C 116 -1.50 -12.57 3.39
C PHE C 116 -2.55 -13.01 4.43
N VAL C 117 -3.78 -13.19 4.01
CA VAL C 117 -4.80 -13.67 4.90
C VAL C 117 -4.44 -15.09 5.45
N ALA C 118 -3.98 -15.93 4.57
CA ALA C 118 -3.52 -17.27 4.94
C ALA C 118 -2.38 -17.20 5.94
N HIS C 119 -1.62 -16.13 5.91
CA HIS C 119 -0.59 -15.90 6.88
C HIS C 119 -0.97 -15.01 8.04
N GLY C 120 -2.25 -14.84 8.25
CA GLY C 120 -2.73 -14.28 9.48
C GLY C 120 -3.25 -12.86 9.49
N VAL C 121 -3.18 -12.18 8.37
CA VAL C 121 -3.68 -10.84 8.26
C VAL C 121 -5.20 -10.81 8.07
N ASP C 122 -5.87 -9.90 8.72
CA ASP C 122 -7.32 -9.72 8.52
C ASP C 122 -7.57 -9.43 7.04
N ARG C 123 -8.64 -10.00 6.50
CA ARG C 123 -8.87 -9.80 5.05
C ARG C 123 -9.10 -8.32 4.66
N GLU C 124 -9.87 -7.58 5.50
CA GLU C 124 -10.16 -6.13 5.25
C GLU C 124 -8.85 -5.29 5.22
N ILE C 125 -7.96 -5.67 6.10
CA ILE C 125 -6.65 -5.02 6.18
C ILE C 125 -5.81 -5.35 4.97
N ALA C 126 -5.73 -6.63 4.61
CA ALA C 126 -4.94 -7.02 3.47
C ALA C 126 -5.47 -6.38 2.17
N LYS C 127 -6.78 -6.41 2.04
CA LYS C 127 -7.39 -5.79 0.86
C LYS C 127 -7.11 -4.29 0.79
N SER C 128 -7.20 -3.59 1.91
CA SER C 128 -6.92 -2.16 1.89
C SER C 128 -5.46 -1.88 1.47
N ALA C 129 -4.52 -2.67 1.98
CA ALA C 129 -3.13 -2.50 1.60
C ALA C 129 -2.87 -2.68 0.11
N PHE C 130 -3.40 -3.75 -0.44
CA PHE C 130 -3.17 -4.08 -1.81
C PHE C 130 -4.07 -3.32 -2.80
N GLU C 131 -5.26 -2.97 -2.38
CA GLU C 131 -6.23 -2.43 -3.30
C GLU C 131 -6.53 -0.94 -3.10
N ASN C 132 -6.39 -0.45 -1.88
CA ASN C 132 -6.84 0.87 -1.49
C ASN C 132 -5.77 1.84 -1.06
N SER C 133 -4.53 1.45 -0.94
CA SER C 133 -3.56 2.30 -0.28
C SER C 133 -2.67 3.06 -1.25
N PRO C 134 -2.89 4.34 -1.42
CA PRO C 134 -1.95 5.10 -2.23
C PRO C 134 -0.60 5.20 -1.54
N THR C 135 -0.59 5.06 -0.23
CA THR C 135 0.62 5.15 0.54
C THR C 135 1.59 4.04 0.15
N ILE C 136 1.10 2.80 0.18
CA ILE C 136 1.88 1.65 -0.31
C ILE C 136 2.34 1.79 -1.79
N ASP C 137 1.46 2.32 -2.67
CA ASP C 137 1.85 2.61 -4.03
C ASP C 137 2.94 3.64 -4.06
N MET C 138 2.83 4.64 -3.21
CA MET C 138 3.83 5.69 -3.14
CA MET C 138 3.87 5.65 -3.26
C MET C 138 5.23 5.11 -2.82
N ARG C 139 5.30 4.20 -1.88
CA ARG C 139 6.58 3.65 -1.47
C ARG C 139 7.24 2.87 -2.59
N VAL C 140 6.43 2.15 -3.34
CA VAL C 140 6.94 1.50 -4.53
C VAL C 140 7.64 2.52 -5.47
N ASN C 141 6.94 3.58 -5.80
CA ASN C 141 7.43 4.63 -6.67
C ASN C 141 8.65 5.31 -6.13
N SER C 142 8.67 5.53 -4.81
CA SER C 142 9.80 6.24 -4.19
C SER C 142 11.00 5.39 -4.24
N GLY C 143 10.83 4.07 -4.02
CA GLY C 143 11.98 3.18 -4.18
C GLY C 143 12.54 3.11 -5.54
N MET C 144 11.65 3.11 -6.56
CA MET C 144 12.13 3.17 -7.93
CA MET C 144 12.02 3.22 -7.96
C MET C 144 12.86 4.47 -8.25
N SER C 145 12.39 5.57 -7.72
CA SER C 145 13.05 6.83 -7.87
CA SER C 145 13.07 6.82 -7.85
C SER C 145 14.45 6.80 -7.27
N LEU C 146 14.57 6.19 -6.12
CA LEU C 146 15.88 6.08 -5.40
C LEU C 146 16.84 5.25 -6.23
N MET C 147 16.33 4.13 -6.76
CA MET C 147 17.10 3.22 -7.61
C MET C 147 17.69 4.01 -8.83
N ALA C 148 16.87 4.79 -9.45
CA ALA C 148 17.29 5.60 -10.58
C ALA C 148 18.30 6.65 -10.23
N HIS C 149 18.15 7.26 -9.03
CA HIS C 149 19.05 8.27 -8.55
C HIS C 149 20.46 7.68 -8.46
N TYR C 150 20.50 6.44 -8.01
CA TYR C 150 21.75 5.72 -7.89
C TYR C 150 22.22 5.07 -9.21
N GLN C 151 21.45 5.24 -10.31
CA GLN C 151 21.79 4.70 -11.63
C GLN C 151 21.98 3.16 -11.59
N ILE C 152 21.06 2.48 -10.91
CA ILE C 152 21.04 1.06 -10.77
C ILE C 152 20.01 0.47 -11.69
N ASN C 153 20.39 -0.56 -12.43
CA ASN C 153 19.48 -1.29 -13.36
C ASN C 153 19.63 -2.80 -13.24
N ALA C 154 20.16 -3.23 -12.12
CA ALA C 154 20.29 -4.70 -11.87
C ALA C 154 20.25 -4.98 -10.42
N VAL C 155 19.67 -6.15 -10.04
CA VAL C 155 19.66 -6.60 -8.62
C VAL C 155 20.12 -8.06 -8.51
N PRO C 156 20.64 -8.43 -7.35
CA PRO C 156 20.77 -7.59 -6.19
C PRO C 156 21.84 -6.53 -6.37
N ALA C 157 21.63 -5.37 -5.76
CA ALA C 157 22.58 -4.25 -5.75
C ALA C 157 22.58 -3.63 -4.38
N PHE C 158 23.75 -3.15 -3.98
CA PHE C 158 23.99 -2.60 -2.65
C PHE C 158 24.60 -1.24 -2.70
N VAL C 159 24.03 -0.32 -1.94
CA VAL C 159 24.55 1.00 -1.85
C VAL C 159 24.95 1.20 -0.40
N VAL C 160 26.19 1.65 -0.22
CA VAL C 160 26.78 1.79 1.10
C VAL C 160 27.04 3.24 1.48
N ASN C 161 26.44 3.63 2.61
CA ASN C 161 26.54 5.01 3.13
C ASN C 161 26.28 6.13 2.11
N ASN C 162 25.38 5.88 1.19
CA ASN C 162 25.09 6.83 0.13
C ASN C 162 26.28 7.28 -0.68
N LYS C 163 27.30 6.44 -0.83
CA LYS C 163 28.51 6.85 -1.46
C LYS C 163 29.03 5.89 -2.52
N TYR C 164 28.88 4.60 -2.25
CA TYR C 164 29.36 3.58 -3.15
C TYR C 164 28.30 2.49 -3.43
N LYS C 165 28.35 1.93 -4.63
CA LYS C 165 27.50 0.80 -4.99
C LYS C 165 28.30 -0.41 -5.52
N THR C 166 27.74 -1.59 -5.35
CA THR C 166 28.25 -2.80 -6.00
C THR C 166 27.09 -3.73 -6.36
N ASP C 167 27.41 -4.77 -7.13
CA ASP C 167 26.41 -5.78 -7.55
C ASP C 167 27.19 -6.97 -8.04
N LEU C 168 26.50 -8.04 -8.46
CA LEU C 168 27.22 -9.29 -8.76
C LEU C 168 28.04 -9.19 -10.01
N GLN C 169 27.59 -8.38 -10.96
CA GLN C 169 28.31 -8.16 -12.17
C GLN C 169 29.69 -7.50 -11.93
N MET C 170 29.74 -6.54 -11.03
CA MET C 170 30.97 -5.97 -10.56
C MET C 170 31.81 -6.89 -9.70
N ALA C 171 31.18 -7.56 -8.73
CA ALA C 171 31.90 -8.35 -7.77
C ALA C 171 32.37 -9.65 -8.38
N GLY C 172 31.55 -10.25 -9.20
CA GLY C 172 31.89 -11.53 -9.82
C GLY C 172 31.46 -12.77 -9.10
N SER C 173 31.16 -12.70 -7.81
CA SER C 173 30.62 -13.84 -7.02
C SER C 173 30.04 -13.27 -5.75
N GLU C 174 29.17 -14.03 -5.10
CA GLU C 174 28.61 -13.62 -3.78
C GLU C 174 29.70 -13.35 -2.82
N GLU C 175 30.64 -14.30 -2.75
CA GLU C 175 31.66 -14.20 -1.74
C GLU C 175 32.51 -12.93 -1.89
N ARG C 176 32.89 -12.59 -3.11
CA ARG C 176 33.67 -11.43 -3.37
C ARG C 176 32.78 -10.18 -3.13
N LEU C 177 31.49 -10.28 -3.44
CA LEU C 177 30.57 -9.14 -3.12
C LEU C 177 30.61 -8.80 -1.61
N PHE C 178 30.59 -9.78 -0.73
CA PHE C 178 30.61 -9.45 0.68
C PHE C 178 32.00 -8.90 1.11
N GLU C 179 33.03 -9.35 0.45
CA GLU C 179 34.37 -8.78 0.71
C GLU C 179 34.37 -7.30 0.32
N ILE C 180 33.74 -7.04 -0.82
CA ILE C 180 33.62 -5.68 -1.28
C ILE C 180 32.76 -4.86 -0.33
N LEU C 181 31.62 -5.38 0.15
CA LEU C 181 30.84 -4.62 1.13
C LEU C 181 31.63 -4.28 2.37
N ASN C 182 32.42 -5.24 2.87
CA ASN C 182 33.21 -4.98 4.05
C ASN C 182 34.19 -3.84 3.85
N TYR C 183 34.88 -3.87 2.71
CA TYR C 183 35.79 -2.82 2.32
C TYR C 183 35.07 -1.46 2.31
N LEU C 184 33.91 -1.42 1.66
CA LEU C 184 33.17 -0.18 1.46
C LEU C 184 32.69 0.40 2.73
N VAL C 185 32.27 -0.45 3.65
CA VAL C 185 31.86 0.02 4.94
C VAL C 185 33.04 0.73 5.66
N ARG C 186 34.23 0.12 5.61
CA ARG C 186 35.39 0.75 6.19
CA ARG C 186 35.46 0.72 6.17
C ARG C 186 35.78 2.01 5.43
N LYS C 187 35.68 1.98 4.13
CA LYS C 187 36.12 3.12 3.35
C LYS C 187 35.25 4.37 3.57
N SER C 188 33.97 4.16 3.81
CA SER C 188 33.03 5.28 3.84
C SER C 188 32.75 5.71 5.26
N ALA C 189 33.43 5.10 6.24
CA ALA C 189 33.23 5.37 7.67
C ALA C 189 33.82 6.70 8.17
#